data_5DB3
#
_entry.id   5DB3
#
_cell.length_a   48.899
_cell.length_b   80.456
_cell.length_c   125.093
_cell.angle_alpha   90.000
_cell.angle_beta   90.000
_cell.angle_gamma   90.000
#
_symmetry.space_group_name_H-M   'P 21 21 21'
#
loop_
_entity.id
_entity.type
_entity.pdbx_description
1 polymer Menin
2 non-polymer 'DIMETHYL SULFOXIDE'
3 non-polymer 'TETRAETHYLENE GLYCOL'
4 non-polymer 'SULFATE ION'
5 non-polymer DI(HYDROXYETHYL)ETHER
6 non-polymer 6-methoxy-4-methyl-1-(1H-pyrazol-4-ylmethyl)-5-[(4-{[6-(2,2,2-trifluoroethyl)thieno[2,3-d]pyrimidin-4-yl]amino}piperidin-1-yl)methyl]-1H-indole-2-carbonitrile
7 water water
#
_entity_poly.entity_id   1
_entity_poly.type   'polypeptide(L)'
_entity_poly.pdbx_seq_one_letter_code
;GGSSSMGLKAAQKTLFPLRSIDDVVRLFAAELGREEPDLVLLSLVLGFVEHFLAVNRVGLTYFPVADLSIIAALYARFTA
QIRGAVDLSLYPREGGVSSRELVKKVSDVIWNSLSRSYFKDRAHIQSLFSFITGTKLDSSGVAFAVVGACQALGLRDVHL
ALSEDHAWVVFGPNGEQTAEVTWHGKGNEDRRGQTVNAGVAERSWLYLKGSYMRCDRKMEVAFMVCAINPSIDLHTDSLE
LLQLQQKLLWLLYDLGHLERYPMALGNLADLEELEPTPGRPDPLTLYHKGIASAKTYYRDEHIYPYMYLAGYHCRNRNVR
EALQAWADTATVIQDYNYCREDEEIYKEFFEVANDVIPNLLKEAASLLEAGSQGSALQDPECFAHLLRFYDGICKWEEGS
PTPVLHVGWATFLVQSLGRFEGQVRQKVRIVSVPAPAASPPPEGPVLTFQSEKMKGMKELLVATKINSSAIKLQLTAQSQ
VQMKKQKVS
;
_entity_poly.pdbx_strand_id   A
#
# COMPACT_ATOMS: atom_id res chain seq x y z
CA GLY A 7 -6.52 -30.55 10.03
C GLY A 7 -5.05 -30.92 10.15
N LEU A 8 -4.35 -31.13 9.04
CA LEU A 8 -4.91 -31.02 7.69
C LEU A 8 -5.93 -32.10 7.49
N LYS A 9 -6.96 -31.75 6.74
CA LYS A 9 -7.97 -32.68 6.29
C LYS A 9 -7.47 -33.47 5.11
N ALA A 10 -7.98 -34.68 4.95
CA ALA A 10 -7.54 -35.55 3.88
C ALA A 10 -7.61 -34.85 2.52
N ALA A 11 -8.69 -34.10 2.29
CA ALA A 11 -8.93 -33.40 1.04
C ALA A 11 -7.90 -32.28 0.75
N GLN A 12 -7.34 -31.69 1.79
CA GLN A 12 -6.24 -30.71 1.63
C GLN A 12 -4.90 -31.32 1.26
N LYS A 13 -4.73 -32.65 1.40
CA LYS A 13 -3.41 -33.27 1.20
C LYS A 13 -3.24 -33.89 -0.20
N THR A 14 -4.34 -34.03 -0.93
CA THR A 14 -4.37 -34.79 -2.21
C THR A 14 -3.55 -34.15 -3.33
N LEU A 15 -3.34 -32.85 -3.30
CA LEU A 15 -2.51 -32.24 -4.37
C LEU A 15 -1.02 -32.30 -4.12
N PHE A 16 -0.61 -32.67 -2.93
CA PHE A 16 0.83 -32.77 -2.67
C PHE A 16 1.42 -34.05 -3.33
N PRO A 17 2.68 -33.97 -3.73
CA PRO A 17 3.60 -32.83 -3.57
C PRO A 17 3.35 -31.77 -4.61
N LEU A 18 3.71 -30.53 -4.27
CA LEU A 18 3.56 -29.45 -5.22
C LEU A 18 4.87 -29.34 -5.94
N ARG A 19 4.87 -29.57 -7.26
CA ARG A 19 6.12 -29.63 -8.04
C ARG A 19 6.33 -28.46 -9.00
N SER A 20 5.39 -27.52 -9.02
CA SER A 20 5.47 -26.42 -9.96
C SER A 20 4.59 -25.27 -9.48
N ILE A 21 4.80 -24.13 -10.13
CA ILE A 21 3.96 -22.94 -9.94
C ILE A 21 2.49 -23.29 -10.15
N ASP A 22 2.17 -24.01 -11.22
CA ASP A 22 0.79 -24.37 -11.47
C ASP A 22 0.22 -25.28 -10.38
N ASP A 23 1.03 -26.18 -9.81
CA ASP A 23 0.57 -27.00 -8.69
C ASP A 23 0.23 -26.13 -7.47
N VAL A 24 1.02 -25.08 -7.22
CA VAL A 24 0.69 -24.12 -6.16
C VAL A 24 -0.63 -23.39 -6.49
N VAL A 25 -0.81 -22.92 -7.73
CA VAL A 25 -2.09 -22.33 -8.15
C VAL A 25 -3.27 -23.29 -7.95
N ARG A 26 -3.09 -24.60 -8.26
CA ARG A 26 -4.17 -25.57 -8.03
C ARG A 26 -4.58 -25.67 -6.54
N LEU A 27 -3.57 -25.60 -5.66
CA LEU A 27 -3.80 -25.63 -4.24
C LEU A 27 -4.62 -24.42 -3.78
N PHE A 28 -4.24 -23.24 -4.28
CA PHE A 28 -5.00 -22.05 -3.92
C PHE A 28 -6.42 -22.11 -4.46
N ALA A 29 -6.59 -22.64 -5.67
CA ALA A 29 -7.93 -22.81 -6.27
C ALA A 29 -8.77 -23.72 -5.42
N ALA A 30 -8.19 -24.81 -4.96
CA ALA A 30 -8.93 -25.75 -4.16
C ALA A 30 -9.33 -25.17 -2.81
N GLU A 31 -8.40 -24.47 -2.16
CA GLU A 31 -8.70 -23.83 -0.89
C GLU A 31 -9.74 -22.74 -1.04
N LEU A 32 -9.68 -21.98 -2.13
CA LEU A 32 -10.59 -20.85 -2.34
C LEU A 32 -12.00 -21.36 -2.66
N GLY A 33 -12.10 -22.64 -3.01
CA GLY A 33 -13.35 -23.32 -3.28
C GLY A 33 -13.98 -23.90 -2.04
N ARG A 34 -13.25 -23.91 -0.92
CA ARG A 34 -13.76 -24.47 0.32
C ARG A 34 -14.52 -23.41 1.08
N GLU A 35 -15.22 -23.82 2.12
CA GLU A 35 -15.95 -22.87 2.97
C GLU A 35 -15.04 -21.76 3.51
N GLU A 36 -13.89 -22.17 4.04
CA GLU A 36 -12.92 -21.27 4.63
C GLU A 36 -11.57 -21.72 3.97
N PRO A 37 -10.92 -20.90 3.14
CA PRO A 37 -9.56 -21.26 2.80
C PRO A 37 -8.66 -21.27 4.03
N ASP A 38 -7.72 -22.23 4.05
CA ASP A 38 -6.87 -22.43 5.19
C ASP A 38 -5.67 -21.47 5.12
N LEU A 39 -5.74 -20.36 5.86
CA LEU A 39 -4.69 -19.32 5.80
C LEU A 39 -3.30 -19.84 6.22
N VAL A 40 -3.27 -20.73 7.19
CA VAL A 40 -2.02 -21.25 7.74
C VAL A 40 -1.30 -22.11 6.70
N LEU A 41 -2.06 -23.04 6.10
CA LEU A 41 -1.56 -23.90 5.03
C LEU A 41 -1.00 -23.03 3.91
N LEU A 42 -1.80 -22.04 3.49
CA LEU A 42 -1.42 -21.29 2.31
C LEU A 42 -0.18 -20.43 2.54
N SER A 43 -0.11 -19.78 3.71
CA SER A 43 1.02 -18.94 4.06
C SER A 43 2.30 -19.78 4.24
N LEU A 44 2.16 -20.97 4.83
CA LEU A 44 3.35 -21.81 4.91
C LEU A 44 3.89 -22.24 3.52
N VAL A 45 2.99 -22.64 2.62
CA VAL A 45 3.36 -23.01 1.24
C VAL A 45 4.06 -21.81 0.56
N LEU A 46 3.45 -20.63 0.60
CA LEU A 46 4.07 -19.47 -0.03
C LEU A 46 5.44 -19.15 0.53
N GLY A 47 5.58 -19.21 1.86
CA GLY A 47 6.82 -18.92 2.50
C GLY A 47 7.89 -19.94 2.22
N PHE A 48 7.47 -21.19 2.12
CA PHE A 48 8.38 -22.28 1.69
C PHE A 48 8.92 -22.06 0.31
N VAL A 49 8.04 -21.76 -0.61
CA VAL A 49 8.46 -21.56 -1.97
C VAL A 49 9.31 -20.29 -2.17
N GLU A 50 8.93 -19.22 -1.50
CA GLU A 50 9.69 -17.97 -1.48
C GLU A 50 11.08 -18.15 -0.90
N HIS A 51 11.18 -18.94 0.17
CA HIS A 51 12.48 -19.16 0.79
C HIS A 51 13.46 -19.79 -0.25
N PHE A 52 12.99 -20.84 -0.90
CA PHE A 52 13.81 -21.65 -1.82
C PHE A 52 13.88 -21.08 -3.24
N LEU A 53 13.14 -20.01 -3.54
CA LEU A 53 13.30 -19.28 -4.80
C LEU A 53 13.96 -17.92 -4.66
N ALA A 54 13.97 -17.32 -3.46
CA ALA A 54 14.46 -15.96 -3.26
C ALA A 54 15.50 -15.84 -2.17
N VAL A 55 15.43 -16.63 -1.10
CA VAL A 55 16.37 -16.49 0.03
C VAL A 55 17.57 -17.43 -0.18
N ASN A 56 17.30 -18.65 -0.58
CA ASN A 56 18.36 -19.67 -0.84
C ASN A 56 18.06 -20.60 -2.01
N ARG A 57 18.65 -20.27 -3.16
CA ARG A 57 18.45 -21.01 -4.38
C ARG A 57 19.48 -22.14 -4.64
N VAL A 58 20.30 -22.47 -3.66
CA VAL A 58 21.21 -23.57 -3.81
C VAL A 58 20.49 -24.85 -4.12
N GLY A 59 20.77 -25.48 -5.26
CA GLY A 59 20.22 -26.79 -5.56
C GLY A 59 19.00 -26.77 -6.45
N LEU A 60 18.56 -25.57 -6.69
CA LEU A 60 17.39 -25.31 -7.51
C LEU A 60 17.63 -25.76 -8.94
N THR A 61 16.73 -26.62 -9.45
CA THR A 61 16.79 -27.02 -10.85
C THR A 61 15.56 -26.58 -11.64
N TYR A 62 14.45 -26.36 -10.94
CA TYR A 62 13.21 -25.95 -11.58
C TYR A 62 12.27 -25.26 -10.56
N PHE A 63 11.89 -26.00 -9.55
CA PHE A 63 10.93 -25.50 -8.59
C PHE A 63 11.14 -26.28 -7.31
N PRO A 64 11.10 -25.58 -6.16
CA PRO A 64 11.27 -26.30 -4.91
C PRO A 64 10.09 -27.18 -4.58
N VAL A 65 10.27 -28.49 -4.66
CA VAL A 65 9.16 -29.38 -4.46
C VAL A 65 8.70 -29.32 -2.99
N ALA A 66 7.41 -29.03 -2.81
CA ALA A 66 6.79 -28.98 -1.49
C ALA A 66 6.16 -30.33 -1.19
N ASP A 67 6.86 -31.15 -0.41
CA ASP A 67 6.37 -32.46 -0.02
C ASP A 67 5.40 -32.34 1.15
N LEU A 68 4.39 -33.18 1.17
CA LEU A 68 3.42 -33.15 2.24
C LEU A 68 4.05 -33.29 3.61
N SER A 69 5.05 -34.18 3.74
CA SER A 69 5.71 -34.40 5.00
C SER A 69 6.32 -33.12 5.59
N ILE A 70 6.97 -32.31 4.74
CA ILE A 70 7.58 -31.06 5.15
C ILE A 70 6.50 -30.03 5.54
N ILE A 71 5.51 -29.84 4.68
CA ILE A 71 4.45 -28.84 4.94
C ILE A 71 3.61 -29.23 6.11
N ALA A 72 3.24 -30.50 6.20
CA ALA A 72 2.48 -30.95 7.36
C ALA A 72 3.23 -30.77 8.67
N ALA A 73 4.55 -30.96 8.68
CA ALA A 73 5.32 -30.74 9.92
C ALA A 73 5.35 -29.27 10.33
N LEU A 74 5.55 -28.36 9.38
CA LEU A 74 5.49 -26.92 9.67
C LEU A 74 4.09 -26.58 10.23
N TYR A 75 3.07 -27.13 9.60
CA TYR A 75 1.67 -26.82 9.98
C TYR A 75 1.39 -27.28 11.40
N ALA A 76 1.83 -28.52 11.72
CA ALA A 76 1.79 -29.02 13.09
C ALA A 76 2.55 -28.20 14.10
N ARG A 77 3.71 -27.64 13.77
CA ARG A 77 4.44 -26.79 14.69
C ARG A 77 3.62 -25.52 15.00
N PHE A 78 3.04 -24.94 13.97
CA PHE A 78 2.24 -23.74 14.19
C PHE A 78 1.02 -24.02 15.05
N THR A 79 0.24 -25.02 14.67
CA THR A 79 -1.00 -25.23 15.35
C THR A 79 -0.76 -25.69 16.78
N ALA A 80 0.33 -26.46 17.02
CA ALA A 80 0.66 -26.92 18.37
C ALA A 80 1.07 -25.72 19.23
N GLN A 81 1.82 -24.81 18.65
CA GLN A 81 2.29 -23.62 19.37
C GLN A 81 1.07 -22.78 19.83
N ILE A 82 0.07 -22.65 18.95
CA ILE A 82 -1.09 -21.78 19.26
C ILE A 82 -2.05 -22.50 20.20
N ARG A 83 -2.40 -23.73 19.89
CA ARG A 83 -3.39 -24.46 20.71
C ARG A 83 -2.85 -24.74 22.10
N GLY A 84 -1.55 -24.92 22.22
CA GLY A 84 -0.94 -25.15 23.52
C GLY A 84 -0.91 -23.93 24.44
N ALA A 85 -0.83 -22.74 23.84
CA ALA A 85 -0.65 -21.49 24.56
C ALA A 85 -1.95 -20.75 24.81
N VAL A 86 -2.96 -21.02 24.00
CA VAL A 86 -4.27 -20.34 24.10
C VAL A 86 -5.33 -21.35 24.55
N ASP A 87 -5.70 -21.26 25.82
CA ASP A 87 -6.75 -22.14 26.37
C ASP A 87 -8.11 -21.47 26.24
N LEU A 88 -8.88 -21.90 25.23
CA LEU A 88 -10.19 -21.33 24.90
C LEU A 88 -11.22 -21.36 26.01
N SER A 89 -11.07 -22.29 26.96
CA SER A 89 -11.95 -22.39 28.11
C SER A 89 -11.86 -21.21 29.05
N LEU A 90 -10.77 -20.44 28.99
CA LEU A 90 -10.62 -19.27 29.84
C LEU A 90 -11.30 -18.03 29.26
N TYR A 91 -11.81 -18.13 28.02
CA TYR A 91 -12.38 -17.00 27.24
C TYR A 91 -13.70 -17.42 26.60
N PRO A 92 -14.73 -17.67 27.42
CA PRO A 92 -16.00 -18.17 26.86
C PRO A 92 -16.55 -17.26 25.74
N ARG A 93 -16.95 -17.87 24.62
CA ARG A 93 -17.49 -17.15 23.47
C ARG A 93 -19.02 -17.16 23.46
N GLU A 94 -19.63 -16.00 23.73
CA GLU A 94 -21.07 -15.81 23.51
C GLU A 94 -21.31 -15.45 22.04
N GLY A 95 -22.22 -16.16 21.40
CA GLY A 95 -22.80 -15.74 20.14
C GLY A 95 -21.99 -16.10 18.90
N GLY A 96 -21.05 -17.02 19.07
CA GLY A 96 -20.09 -17.36 18.04
C GLY A 96 -19.11 -16.23 17.73
N VAL A 97 -18.92 -15.32 18.69
CA VAL A 97 -17.94 -14.22 18.53
C VAL A 97 -16.93 -14.12 19.67
N SER A 98 -15.76 -13.55 19.35
CA SER A 98 -14.65 -13.53 20.23
C SER A 98 -14.64 -12.30 21.12
N SER A 99 -13.83 -12.33 22.14
CA SER A 99 -13.70 -11.25 23.10
C SER A 99 -12.38 -10.50 22.90
N ARG A 100 -12.35 -9.26 23.36
CA ARG A 100 -11.09 -8.49 23.27
C ARG A 100 -9.94 -9.20 23.98
N GLU A 101 -10.21 -9.79 25.13
CA GLU A 101 -9.21 -10.48 25.91
C GLU A 101 -8.60 -11.66 25.14
N LEU A 102 -9.43 -12.37 24.41
CA LEU A 102 -8.96 -13.52 23.60
C LEU A 102 -8.09 -13.03 22.45
N VAL A 103 -8.57 -12.00 21.77
CA VAL A 103 -7.78 -11.44 20.70
C VAL A 103 -6.45 -10.98 21.21
N LYS A 104 -6.41 -10.28 22.35
CA LYS A 104 -5.15 -9.78 22.92
C LYS A 104 -4.25 -10.96 23.31
N LYS A 105 -4.83 -12.04 23.80
CA LYS A 105 -4.02 -13.19 24.17
C LYS A 105 -3.31 -13.78 22.94
N VAL A 106 -4.05 -13.90 21.86
CA VAL A 106 -3.49 -14.47 20.60
C VAL A 106 -2.36 -13.55 20.14
N SER A 107 -2.59 -12.24 20.19
CA SER A 107 -1.55 -11.30 19.85
C SER A 107 -0.26 -11.43 20.69
N ASP A 108 -0.46 -11.55 22.01
CA ASP A 108 0.67 -11.75 22.94
C ASP A 108 1.45 -13.03 22.63
N VAL A 109 0.73 -14.09 22.30
CA VAL A 109 1.36 -15.39 21.98
C VAL A 109 2.26 -15.26 20.76
N ILE A 110 1.79 -14.60 19.70
CA ILE A 110 2.61 -14.35 18.53
C ILE A 110 3.80 -13.44 18.84
N TRP A 111 3.51 -12.30 19.46
CA TRP A 111 4.56 -11.35 19.85
C TRP A 111 5.65 -11.98 20.69
N ASN A 112 5.23 -12.72 21.71
CA ASN A 112 6.19 -13.37 22.63
C ASN A 112 7.03 -14.50 22.01
N SER A 113 6.65 -14.96 20.83
CA SER A 113 7.39 -15.99 20.08
C SER A 113 8.52 -15.43 19.22
N LEU A 114 8.56 -14.12 19.06
CA LEU A 114 9.44 -13.51 18.10
C LEU A 114 10.81 -13.31 18.74
N SER A 115 11.86 -13.48 17.93
CA SER A 115 13.22 -13.10 18.36
C SER A 115 13.19 -11.69 18.95
N ARG A 116 13.95 -11.52 20.02
CA ARG A 116 14.01 -10.27 20.80
C ARG A 116 14.57 -9.12 19.97
N SER A 117 15.55 -9.44 19.11
CA SER A 117 16.26 -8.44 18.31
C SER A 117 16.47 -8.94 16.88
N TYR A 118 15.92 -8.20 15.92
CA TYR A 118 16.22 -8.45 14.50
C TYR A 118 15.86 -7.23 13.67
N PHE A 119 16.29 -7.24 12.40
CA PHE A 119 15.94 -6.12 11.49
C PHE A 119 14.49 -6.29 11.01
N LYS A 120 13.60 -5.42 11.49
CA LYS A 120 12.14 -5.57 11.21
C LYS A 120 11.72 -5.28 9.77
N ASP A 121 12.58 -4.59 9.03
N ASP A 121 12.56 -4.55 9.03
CA ASP A 121 12.27 -4.08 7.69
CA ASP A 121 12.23 -4.10 7.68
C ASP A 121 12.84 -4.96 6.58
C ASP A 121 13.00 -4.88 6.61
N ARG A 122 13.39 -6.11 6.92
CA ARG A 122 13.95 -6.95 5.90
C ARG A 122 12.89 -7.69 5.09
N ALA A 123 13.36 -8.20 3.97
CA ALA A 123 12.53 -8.95 3.05
C ALA A 123 12.36 -10.37 3.54
N HIS A 124 11.26 -10.95 3.12
CA HIS A 124 11.00 -12.37 3.29
C HIS A 124 10.76 -12.76 4.75
N ILE A 125 10.24 -11.84 5.56
CA ILE A 125 9.84 -12.18 6.94
C ILE A 125 8.33 -11.93 7.16
N GLN A 126 7.56 -12.11 6.11
CA GLN A 126 6.13 -11.80 6.11
C GLN A 126 5.24 -13.01 6.40
N SER A 127 5.74 -14.21 6.17
CA SER A 127 4.91 -15.42 6.15
C SER A 127 5.03 -16.28 7.39
N LEU A 128 4.11 -17.21 7.54
CA LEU A 128 4.21 -18.14 8.66
C LEU A 128 5.47 -19.03 8.56
N PHE A 129 6.02 -19.17 7.34
CA PHE A 129 7.27 -19.92 7.17
C PHE A 129 8.36 -19.21 7.96
N SER A 130 8.42 -17.88 7.86
CA SER A 130 9.39 -17.09 8.56
C SER A 130 9.21 -17.16 10.08
N PHE A 131 7.94 -17.12 10.52
CA PHE A 131 7.62 -17.18 11.90
C PHE A 131 8.07 -18.50 12.53
N ILE A 132 7.86 -19.61 11.84
CA ILE A 132 8.19 -20.93 12.39
C ILE A 132 9.69 -21.24 12.31
N THR A 133 10.29 -20.93 11.18
CA THR A 133 11.72 -21.30 10.97
C THR A 133 12.72 -20.25 11.45
N GLY A 134 12.27 -19.00 11.50
CA GLY A 134 13.12 -17.92 11.94
C GLY A 134 12.70 -17.10 13.15
N THR A 135 11.52 -17.40 13.67
CA THR A 135 10.90 -16.63 14.73
C THR A 135 11.03 -15.12 14.43
N LYS A 136 10.74 -14.76 13.21
CA LYS A 136 10.78 -13.37 12.70
C LYS A 136 9.56 -13.07 11.85
N LEU A 137 8.95 -11.92 12.14
CA LEU A 137 7.85 -11.37 11.36
C LEU A 137 7.96 -9.85 11.21
N ASP A 138 7.56 -9.35 10.07
CA ASP A 138 7.42 -7.88 9.91
C ASP A 138 6.10 -7.39 10.48
N SER A 139 5.88 -6.08 10.52
CA SER A 139 4.71 -5.56 11.28
C SER A 139 3.38 -6.17 10.85
N SER A 140 3.09 -6.06 9.57
CA SER A 140 1.81 -6.60 9.08
C SER A 140 1.80 -8.09 9.10
N GLY A 141 2.97 -8.73 9.04
CA GLY A 141 3.02 -10.18 9.19
C GLY A 141 2.54 -10.66 10.57
N VAL A 142 2.76 -9.87 11.61
CA VAL A 142 2.24 -10.20 12.96
C VAL A 142 0.70 -10.20 12.93
N ALA A 143 0.12 -9.16 12.34
CA ALA A 143 -1.35 -9.09 12.22
C ALA A 143 -1.93 -10.24 11.43
N PHE A 144 -1.29 -10.59 10.33
CA PHE A 144 -1.71 -11.75 9.55
C PHE A 144 -1.61 -13.03 10.37
N ALA A 145 -0.52 -13.17 11.10
CA ALA A 145 -0.31 -14.37 11.94
C ALA A 145 -1.36 -14.49 13.05
N VAL A 146 -1.77 -13.35 13.60
CA VAL A 146 -2.89 -13.36 14.60
C VAL A 146 -4.15 -13.87 13.95
N VAL A 147 -4.48 -13.41 12.74
CA VAL A 147 -5.70 -13.88 12.07
C VAL A 147 -5.61 -15.38 11.73
N GLY A 148 -4.44 -15.81 11.28
CA GLY A 148 -4.23 -17.22 11.00
C GLY A 148 -4.41 -18.10 12.23
N ALA A 149 -3.83 -17.69 13.32
CA ALA A 149 -3.94 -18.36 14.62
C ALA A 149 -5.39 -18.41 15.07
N CYS A 150 -6.10 -17.28 14.97
CA CYS A 150 -7.55 -17.29 15.31
C CYS A 150 -8.36 -18.23 14.43
N GLN A 151 -8.04 -18.28 13.14
CA GLN A 151 -8.74 -19.26 12.31
C GLN A 151 -8.41 -20.71 12.80
N ALA A 152 -7.15 -20.95 13.15
CA ALA A 152 -6.72 -22.30 13.64
C ALA A 152 -7.50 -22.68 14.90
N LEU A 153 -7.78 -21.67 15.70
CA LEU A 153 -8.56 -21.81 16.97
C LEU A 153 -10.09 -21.88 16.76
N GLY A 154 -10.60 -21.73 15.54
CA GLY A 154 -12.05 -21.77 15.27
C GLY A 154 -12.77 -20.46 15.48
N LEU A 155 -12.02 -19.36 15.48
CA LEU A 155 -12.59 -18.05 15.78
C LEU A 155 -12.90 -17.33 14.48
N ARG A 156 -14.08 -17.64 13.94
CA ARG A 156 -14.47 -17.30 12.57
C ARG A 156 -14.70 -15.79 12.36
N ASP A 157 -14.89 -15.06 13.46
CA ASP A 157 -15.22 -13.64 13.41
C ASP A 157 -14.00 -12.76 13.37
N VAL A 158 -12.82 -13.31 13.57
CA VAL A 158 -11.59 -12.44 13.65
C VAL A 158 -11.06 -12.30 12.21
N HIS A 159 -10.94 -11.06 11.76
CA HIS A 159 -10.49 -10.75 10.39
C HIS A 159 -9.48 -9.63 10.33
N LEU A 160 -8.73 -9.63 9.25
CA LEU A 160 -7.65 -8.68 9.06
C LEU A 160 -8.26 -7.36 8.59
N ALA A 161 -7.81 -6.26 9.18
CA ALA A 161 -8.16 -4.90 8.73
C ALA A 161 -6.88 -4.26 8.18
N LEU A 162 -6.99 -3.56 7.07
CA LEU A 162 -5.83 -3.01 6.41
C LEU A 162 -6.08 -1.55 6.04
N SER A 163 -5.13 -0.72 6.40
CA SER A 163 -5.02 0.61 5.74
C SER A 163 -3.94 0.58 4.66
N GLU A 164 -3.51 1.77 4.18
CA GLU A 164 -2.43 1.82 3.21
C GLU A 164 -1.04 1.77 3.85
N ASP A 165 -0.94 1.81 5.20
CA ASP A 165 0.32 1.65 5.90
C ASP A 165 0.27 0.93 7.23
N HIS A 166 -0.82 0.21 7.52
CA HIS A 166 -0.94 -0.48 8.79
C HIS A 166 -1.95 -1.61 8.68
N ALA A 167 -1.93 -2.51 9.68
CA ALA A 167 -2.81 -3.64 9.76
C ALA A 167 -3.21 -3.85 11.22
N TRP A 168 -4.43 -4.34 11.40
CA TRP A 168 -4.94 -4.67 12.72
C TRP A 168 -6.03 -5.73 12.50
N VAL A 169 -6.88 -5.96 13.53
CA VAL A 169 -7.99 -6.87 13.38
C VAL A 169 -9.35 -6.29 13.72
N VAL A 170 -10.37 -6.85 13.09
CA VAL A 170 -11.78 -6.64 13.46
C VAL A 170 -12.34 -7.95 13.97
N PHE A 171 -13.33 -7.85 14.86
CA PHE A 171 -13.86 -9.04 15.51
C PHE A 171 -15.16 -8.67 16.22
N GLY A 172 -15.81 -9.67 16.80
CA GLY A 172 -16.83 -9.36 17.79
C GLY A 172 -18.19 -9.29 17.18
N PRO A 173 -19.18 -8.86 18.00
CA PRO A 173 -20.54 -8.71 17.49
C PRO A 173 -20.60 -7.90 16.22
N ASN A 174 -21.22 -8.45 15.17
CA ASN A 174 -21.28 -7.81 13.85
C ASN A 174 -19.92 -7.47 13.24
N GLY A 175 -18.84 -8.00 13.79
CA GLY A 175 -17.51 -7.65 13.32
C GLY A 175 -17.20 -6.17 13.54
N GLU A 176 -17.85 -5.58 14.54
CA GLU A 176 -17.73 -4.15 14.76
C GLU A 176 -16.63 -3.69 15.65
N GLN A 177 -15.97 -4.59 16.41
CA GLN A 177 -14.86 -4.21 17.25
C GLN A 177 -13.56 -4.14 16.43
N THR A 178 -12.68 -3.24 16.84
CA THR A 178 -11.31 -3.20 16.32
C THR A 178 -10.29 -3.40 17.43
N ALA A 179 -9.20 -4.10 17.13
CA ALA A 179 -8.07 -4.21 18.02
C ALA A 179 -6.75 -4.11 17.30
N GLU A 180 -5.87 -3.28 17.84
CA GLU A 180 -4.42 -3.28 17.50
C GLU A 180 -3.81 -4.61 17.94
N VAL A 181 -3.04 -5.20 17.04
CA VAL A 181 -2.35 -6.47 17.37
C VAL A 181 -0.87 -6.47 17.04
N THR A 182 -0.37 -5.38 16.43
CA THR A 182 1.03 -5.28 16.04
C THR A 182 1.50 -3.85 16.22
N TRP A 183 2.77 -3.59 15.93
CA TRP A 183 3.36 -2.30 16.01
C TRP A 183 3.21 -1.52 14.70
N HIS A 184 3.43 -0.21 14.76
CA HIS A 184 3.43 0.57 13.58
C HIS A 184 4.69 1.42 13.59
N GLY A 185 5.44 1.37 12.51
CA GLY A 185 6.54 2.29 12.25
C GLY A 185 7.68 1.92 13.16
N LYS A 186 8.46 2.91 13.57
CA LYS A 186 9.70 2.72 14.32
C LYS A 186 9.72 3.85 15.31
N GLY A 187 9.84 3.52 16.60
CA GLY A 187 9.84 4.53 17.65
C GLY A 187 8.47 5.09 17.96
N ASN A 188 7.42 4.41 17.51
CA ASN A 188 6.06 4.69 17.99
C ASN A 188 5.79 3.74 19.17
N GLU A 189 4.98 4.18 20.13
CA GLU A 189 4.63 3.32 21.27
C GLU A 189 3.45 2.48 20.82
N ASP A 190 3.50 1.18 21.10
CA ASP A 190 2.47 0.24 20.58
C ASP A 190 1.19 0.47 21.39
N ARG A 191 0.03 0.28 20.76
CA ARG A 191 -1.30 0.48 21.41
C ARG A 191 -2.05 -0.86 21.34
N ARG A 192 -1.30 -1.97 21.43
CA ARG A 192 -1.85 -3.31 21.20
C ARG A 192 -2.98 -3.48 22.20
N GLY A 193 -4.08 -4.06 21.73
CA GLY A 193 -5.23 -4.26 22.59
C GLY A 193 -6.31 -3.23 22.45
N GLN A 194 -5.94 -2.02 22.02
CA GLN A 194 -6.89 -0.88 21.95
C GLN A 194 -7.60 -0.85 20.63
N THR A 195 -8.65 -0.04 20.57
CA THR A 195 -9.37 0.18 19.33
C THR A 195 -8.57 1.15 18.47
N VAL A 196 -9.03 1.31 17.24
CA VAL A 196 -8.45 2.31 16.33
C VAL A 196 -9.29 3.60 16.29
N ASN A 197 -10.21 3.77 17.24
CA ASN A 197 -11.14 4.91 17.12
C ASN A 197 -10.52 6.27 17.28
N ALA A 198 -9.47 6.43 18.08
CA ALA A 198 -8.85 7.72 18.23
C ALA A 198 -8.21 8.13 16.90
N GLY A 199 -7.59 7.14 16.22
CA GLY A 199 -7.01 7.43 14.88
C GLY A 199 -8.01 7.78 13.81
N VAL A 200 -9.19 7.11 13.82
CA VAL A 200 -10.23 7.39 12.88
C VAL A 200 -10.75 8.81 13.15
N ALA A 201 -11.01 9.10 14.43
CA ALA A 201 -11.54 10.42 14.84
C ALA A 201 -10.58 11.57 14.51
N GLU A 202 -9.28 11.34 14.51
CA GLU A 202 -8.39 12.44 14.15
C GLU A 202 -8.21 12.67 12.68
N ARG A 203 -8.84 11.84 11.86
CA ARG A 203 -8.79 11.97 10.41
C ARG A 203 -7.38 11.88 9.82
N SER A 204 -6.54 11.02 10.41
CA SER A 204 -5.23 10.69 9.86
C SER A 204 -5.35 9.79 8.63
N TRP A 205 -4.34 9.86 7.77
CA TRP A 205 -4.25 8.92 6.67
C TRP A 205 -4.11 7.51 7.16
N LEU A 206 -3.40 7.32 8.25
CA LEU A 206 -3.07 5.95 8.73
C LEU A 206 -4.33 5.10 8.91
N TYR A 207 -5.44 5.73 9.33
CA TYR A 207 -6.70 5.00 9.55
C TYR A 207 -7.81 5.32 8.57
N LEU A 208 -7.46 6.08 7.54
CA LEU A 208 -8.28 6.32 6.36
C LEU A 208 -9.71 6.85 6.67
N LYS A 209 -9.83 7.63 7.73
CA LYS A 209 -11.16 8.18 8.14
C LYS A 209 -12.17 7.06 8.36
N GLY A 210 -11.67 5.86 8.63
CA GLY A 210 -12.61 4.73 8.76
C GLY A 210 -12.90 3.91 7.50
N SER A 211 -12.41 4.39 6.35
CA SER A 211 -12.61 3.74 5.05
C SER A 211 -11.46 2.78 4.73
N TYR A 212 -11.08 2.02 5.74
CA TYR A 212 -10.03 0.95 5.65
C TYR A 212 -10.68 -0.34 5.20
N MET A 213 -9.88 -1.32 4.84
CA MET A 213 -10.38 -2.58 4.31
C MET A 213 -10.70 -3.50 5.48
N ARG A 214 -11.89 -4.11 5.45
CA ARG A 214 -12.28 -5.13 6.44
C ARG A 214 -12.33 -6.42 5.66
N CYS A 215 -11.31 -7.26 5.82
CA CYS A 215 -11.17 -8.43 4.96
C CYS A 215 -12.15 -9.53 5.33
N ASP A 216 -12.64 -10.23 4.33
CA ASP A 216 -13.14 -11.61 4.55
C ASP A 216 -11.98 -12.62 4.34
N ARG A 217 -12.27 -13.92 4.43
CA ARG A 217 -11.17 -14.88 4.29
C ARG A 217 -10.50 -14.85 2.92
N LYS A 218 -11.28 -14.56 1.89
CA LYS A 218 -10.81 -14.54 0.53
C LYS A 218 -9.84 -13.36 0.38
N MET A 219 -10.23 -12.22 0.95
CA MET A 219 -9.33 -11.02 0.92
C MET A 219 -8.04 -11.24 1.67
N GLU A 220 -8.12 -12.01 2.75
CA GLU A 220 -6.93 -12.38 3.49
C GLU A 220 -6.00 -13.22 2.63
N VAL A 221 -6.56 -14.14 1.83
CA VAL A 221 -5.73 -14.86 0.84
C VAL A 221 -5.08 -13.85 -0.15
N ALA A 222 -5.86 -12.89 -0.61
CA ALA A 222 -5.30 -11.88 -1.52
C ALA A 222 -4.17 -11.10 -0.87
N PHE A 223 -4.30 -10.79 0.41
CA PHE A 223 -3.25 -10.08 1.13
C PHE A 223 -1.93 -10.87 1.12
N MET A 224 -2.00 -12.14 1.49
CA MET A 224 -0.77 -12.95 1.50
C MET A 224 -0.14 -13.06 0.09
N VAL A 225 -0.96 -13.08 -0.94
CA VAL A 225 -0.45 -13.08 -2.31
C VAL A 225 0.25 -11.75 -2.67
N CYS A 226 -0.40 -10.63 -2.34
CA CYS A 226 0.29 -9.34 -2.46
C CYS A 226 1.60 -9.32 -1.65
N ALA A 227 1.62 -9.96 -0.49
CA ALA A 227 2.77 -10.00 0.39
C ALA A 227 3.92 -10.85 -0.14
N ILE A 228 3.71 -11.65 -1.18
CA ILE A 228 4.83 -12.33 -1.84
C ILE A 228 5.89 -11.28 -2.17
N ASN A 229 7.15 -11.63 -1.95
CA ASN A 229 8.26 -10.72 -2.26
C ASN A 229 9.23 -11.41 -3.20
N PRO A 230 9.11 -11.10 -4.50
CA PRO A 230 9.94 -11.80 -5.50
C PRO A 230 11.41 -11.37 -5.48
N SER A 231 11.75 -10.35 -4.69
CA SER A 231 13.12 -9.80 -4.75
C SER A 231 14.19 -10.77 -4.24
N ILE A 232 15.23 -10.97 -5.06
CA ILE A 232 16.38 -11.77 -4.62
C ILE A 232 17.43 -10.81 -4.03
N ASP A 233 17.72 -9.73 -4.76
CA ASP A 233 18.49 -8.63 -4.23
C ASP A 233 18.03 -7.32 -4.86
N LEU A 234 18.76 -6.23 -4.59
CA LEU A 234 18.47 -4.92 -5.24
C LEU A 234 18.33 -4.98 -6.78
N HIS A 235 19.06 -5.87 -7.44
CA HIS A 235 19.10 -5.87 -8.90
C HIS A 235 18.38 -7.05 -9.57
N THR A 236 17.72 -7.92 -8.78
CA THR A 236 17.30 -9.20 -9.30
C THR A 236 15.99 -9.66 -8.65
N ASP A 237 14.98 -9.96 -9.44
CA ASP A 237 13.78 -10.65 -8.96
C ASP A 237 13.77 -12.08 -9.45
N SER A 238 13.16 -12.95 -8.67
CA SER A 238 12.82 -14.28 -9.09
C SER A 238 11.69 -14.28 -10.12
N LEU A 239 11.99 -14.73 -11.32
CA LEU A 239 11.00 -14.83 -12.37
C LEU A 239 9.90 -15.82 -11.97
N GLU A 240 10.26 -16.85 -11.22
CA GLU A 240 9.33 -17.90 -10.80
C GLU A 240 8.30 -17.29 -9.84
N LEU A 241 8.79 -16.48 -8.92
CA LEU A 241 7.90 -15.85 -7.92
C LEU A 241 7.04 -14.77 -8.55
N LEU A 242 7.60 -14.00 -9.48
CA LEU A 242 6.76 -13.06 -10.22
C LEU A 242 5.59 -13.75 -10.93
N GLN A 243 5.91 -14.86 -11.61
CA GLN A 243 4.88 -15.60 -12.35
C GLN A 243 3.85 -16.18 -11.38
N LEU A 244 4.32 -16.73 -10.26
CA LEU A 244 3.39 -17.28 -9.26
C LEU A 244 2.46 -16.21 -8.70
N GLN A 245 3.02 -15.08 -8.31
CA GLN A 245 2.18 -14.00 -7.78
C GLN A 245 1.16 -13.55 -8.82
N GLN A 246 1.61 -13.40 -10.08
CA GLN A 246 0.77 -12.94 -11.18
C GLN A 246 -0.38 -13.93 -11.38
N LYS A 247 -0.07 -15.23 -11.44
CA LYS A 247 -1.10 -16.21 -11.65
C LYS A 247 -2.07 -16.27 -10.48
N LEU A 248 -1.56 -16.17 -9.26
CA LEU A 248 -2.43 -16.19 -8.11
C LEU A 248 -3.36 -14.97 -8.08
N LEU A 249 -2.81 -13.82 -8.41
CA LEU A 249 -3.68 -12.65 -8.55
C LEU A 249 -4.76 -12.75 -9.63
N TRP A 250 -4.44 -13.38 -10.75
CA TRP A 250 -5.48 -13.62 -11.75
C TRP A 250 -6.56 -14.58 -11.26
N LEU A 251 -6.14 -15.63 -10.54
CA LEU A 251 -7.11 -16.56 -9.93
C LEU A 251 -8.07 -15.83 -9.01
N LEU A 252 -7.53 -15.03 -8.10
CA LEU A 252 -8.33 -14.18 -7.23
C LEU A 252 -9.23 -13.22 -8.00
N TYR A 253 -8.70 -12.59 -9.05
CA TYR A 253 -9.46 -11.62 -9.87
C TYR A 253 -10.68 -12.29 -10.51
N ASP A 254 -10.44 -13.49 -11.08
CA ASP A 254 -11.49 -14.24 -11.79
C ASP A 254 -12.60 -14.67 -10.85
N LEU A 255 -12.25 -14.95 -9.60
CA LEU A 255 -13.21 -15.46 -8.61
C LEU A 255 -13.94 -14.31 -7.92
N GLY A 256 -13.56 -13.07 -8.21
CA GLY A 256 -14.23 -11.92 -7.63
C GLY A 256 -13.63 -11.32 -6.38
N HIS A 257 -12.48 -11.85 -5.94
CA HIS A 257 -11.95 -11.51 -4.63
C HIS A 257 -11.01 -10.30 -4.60
N LEU A 258 -10.79 -9.67 -5.74
CA LEU A 258 -10.04 -8.39 -5.78
C LEU A 258 -10.99 -7.20 -5.93
N GLU A 259 -12.29 -7.48 -5.97
CA GLU A 259 -13.31 -6.43 -6.18
C GLU A 259 -13.14 -5.29 -5.18
N ARG A 260 -12.86 -5.60 -3.92
CA ARG A 260 -12.73 -4.62 -2.85
C ARG A 260 -11.25 -4.38 -2.43
N TYR A 261 -10.32 -4.62 -3.35
CA TYR A 261 -8.89 -4.58 -3.00
C TYR A 261 -8.10 -3.74 -4.02
N PRO A 262 -8.23 -2.41 -3.94
CA PRO A 262 -7.55 -1.52 -4.88
C PRO A 262 -6.09 -1.82 -5.07
N MET A 263 -5.32 -1.95 -4.00
CA MET A 263 -3.87 -2.13 -4.10
C MET A 263 -3.49 -3.44 -4.79
N ALA A 264 -4.29 -4.50 -4.62
CA ALA A 264 -4.01 -5.71 -5.31
C ALA A 264 -4.16 -5.59 -6.83
N LEU A 265 -5.16 -4.81 -7.27
CA LEU A 265 -5.36 -4.50 -8.68
C LEU A 265 -4.16 -3.71 -9.26
N GLY A 266 -3.63 -2.76 -8.47
CA GLY A 266 -2.43 -2.02 -8.88
C GLY A 266 -1.21 -2.93 -8.96
N ASN A 267 -1.05 -3.82 -7.97
CA ASN A 267 0.05 -4.83 -8.01
C ASN A 267 -0.03 -5.70 -9.30
N LEU A 268 -1.25 -6.17 -9.62
CA LEU A 268 -1.48 -7.02 -10.80
C LEU A 268 -1.16 -6.23 -12.08
N ALA A 269 -1.60 -4.97 -12.13
CA ALA A 269 -1.29 -4.12 -13.28
C ALA A 269 0.22 -3.96 -13.45
N ASP A 270 0.93 -3.74 -12.36
CA ASP A 270 2.40 -3.60 -12.43
C ASP A 270 3.06 -4.88 -12.99
N LEU A 271 2.57 -6.04 -12.55
CA LEU A 271 3.06 -7.30 -13.04
C LEU A 271 2.77 -7.49 -14.56
N GLU A 272 1.58 -7.09 -15.01
CA GLU A 272 1.19 -7.20 -16.41
C GLU A 272 2.05 -6.26 -17.24
N GLU A 273 2.41 -5.11 -16.69
CA GLU A 273 3.30 -4.23 -17.45
C GLU A 273 4.60 -4.94 -17.72
N LEU A 274 5.11 -5.62 -16.71
CA LEU A 274 6.39 -6.34 -16.82
C LEU A 274 6.34 -7.50 -17.82
N GLU A 275 5.25 -8.26 -17.80
CA GLU A 275 5.11 -9.44 -18.62
C GLU A 275 3.65 -9.69 -18.87
N PRO A 276 3.11 -9.15 -19.96
CA PRO A 276 1.67 -9.20 -20.23
C PRO A 276 1.17 -10.60 -20.49
N THR A 277 -0.02 -10.93 -19.97
CA THR A 277 -0.61 -12.23 -20.13
C THR A 277 -1.57 -12.10 -21.31
N PRO A 278 -1.45 -12.99 -22.33
CA PRO A 278 -2.34 -12.87 -23.50
C PRO A 278 -3.83 -13.02 -23.16
N GLY A 279 -4.63 -12.13 -23.70
CA GLY A 279 -6.08 -12.12 -23.54
C GLY A 279 -6.56 -11.38 -22.31
N ARG A 280 -5.64 -10.84 -21.53
CA ARG A 280 -6.00 -10.13 -20.30
C ARG A 280 -6.06 -8.60 -20.52
N PRO A 281 -6.81 -7.91 -19.67
CA PRO A 281 -6.87 -6.45 -19.66
C PRO A 281 -5.50 -5.83 -19.54
N ASP A 282 -5.30 -4.72 -20.24
CA ASP A 282 -4.05 -3.96 -20.13
C ASP A 282 -3.83 -3.38 -18.72
N PRO A 283 -2.58 -3.07 -18.41
CA PRO A 283 -2.30 -2.40 -17.16
C PRO A 283 -3.19 -1.19 -16.91
N LEU A 284 -3.37 -0.30 -17.91
CA LEU A 284 -4.22 0.87 -17.68
C LEU A 284 -5.64 0.54 -17.26
N THR A 285 -6.24 -0.46 -17.91
CA THR A 285 -7.54 -0.95 -17.50
C THR A 285 -7.55 -1.33 -15.99
N LEU A 286 -6.53 -2.04 -15.56
CA LEU A 286 -6.43 -2.54 -14.20
C LEU A 286 -6.20 -1.42 -13.22
N TYR A 287 -5.38 -0.43 -13.57
CA TYR A 287 -5.23 0.71 -12.67
C TYR A 287 -6.55 1.43 -12.49
N HIS A 288 -7.28 1.59 -13.59
CA HIS A 288 -8.59 2.23 -13.52
C HIS A 288 -9.64 1.44 -12.74
N LYS A 289 -9.55 0.11 -12.77
CA LYS A 289 -10.43 -0.72 -11.95
C LYS A 289 -10.11 -0.56 -10.46
N GLY A 290 -8.84 -0.42 -10.13
CA GLY A 290 -8.41 -0.13 -8.74
C GLY A 290 -8.95 1.19 -8.23
N ILE A 291 -8.84 2.22 -9.07
CA ILE A 291 -9.48 3.50 -8.72
C ILE A 291 -11.03 3.36 -8.58
N ALA A 292 -11.68 2.59 -9.45
CA ALA A 292 -13.15 2.40 -9.38
C ALA A 292 -13.50 1.68 -8.10
N SER A 293 -12.66 0.72 -7.73
CA SER A 293 -12.86 -0.04 -6.47
C SER A 293 -12.81 0.90 -5.28
N ALA A 294 -11.80 1.79 -5.24
CA ALA A 294 -11.68 2.74 -4.14
C ALA A 294 -12.87 3.76 -4.10
N LYS A 295 -13.31 4.22 -5.26
CA LYS A 295 -14.53 5.10 -5.36
C LYS A 295 -15.82 4.41 -4.89
N THR A 296 -15.92 3.15 -5.25
CA THR A 296 -17.14 2.35 -4.92
C THR A 296 -17.25 1.93 -3.47
N TYR A 297 -16.17 1.34 -2.95
CA TYR A 297 -16.18 0.76 -1.64
C TYR A 297 -15.60 1.59 -0.50
N TYR A 298 -14.72 2.58 -0.81
CA TYR A 298 -13.94 3.27 0.18
C TYR A 298 -14.05 4.79 0.08
N ARG A 299 -15.16 5.27 -0.48
CA ARG A 299 -15.45 6.72 -0.54
C ARG A 299 -14.38 7.52 -1.25
N ASP A 300 -13.61 6.88 -2.13
CA ASP A 300 -12.48 7.56 -2.77
C ASP A 300 -11.51 8.20 -1.79
N GLU A 301 -11.21 7.51 -0.68
CA GLU A 301 -10.34 8.04 0.39
C GLU A 301 -8.96 7.41 0.38
N HIS A 302 -8.63 6.65 -0.67
CA HIS A 302 -7.34 5.96 -0.77
C HIS A 302 -6.36 6.72 -1.69
N ILE A 303 -5.10 6.79 -1.29
CA ILE A 303 -4.06 7.43 -2.12
C ILE A 303 -3.38 6.54 -3.18
N TYR A 304 -3.15 5.29 -2.82
CA TYR A 304 -2.40 4.40 -3.70
C TYR A 304 -3.03 4.03 -5.04
N PRO A 305 -4.33 4.01 -5.19
CA PRO A 305 -4.85 3.79 -6.55
C PRO A 305 -4.33 4.82 -7.59
N TYR A 306 -4.23 6.06 -7.16
CA TYR A 306 -3.76 7.12 -8.04
C TYR A 306 -2.24 7.10 -8.15
N MET A 307 -1.53 6.78 -7.06
CA MET A 307 -0.09 6.68 -7.13
C MET A 307 0.32 5.53 -8.05
N TYR A 308 -0.37 4.37 -8.00
CA TYR A 308 -0.03 3.30 -8.92
C TYR A 308 -0.15 3.79 -10.38
N LEU A 309 -1.27 4.46 -10.67
CA LEU A 309 -1.51 5.00 -12.04
C LEU A 309 -0.42 6.02 -12.43
N ALA A 310 -0.15 6.96 -11.54
CA ALA A 310 0.88 7.96 -11.82
C ALA A 310 2.26 7.33 -12.09
N GLY A 311 2.63 6.31 -11.32
CA GLY A 311 3.91 5.61 -11.55
C GLY A 311 4.01 5.00 -12.92
N TYR A 312 2.96 4.34 -13.37
CA TYR A 312 2.89 3.76 -14.69
C TYR A 312 3.10 4.86 -15.76
N HIS A 313 2.35 5.94 -15.68
CA HIS A 313 2.54 7.06 -16.63
C HIS A 313 3.92 7.65 -16.56
N CYS A 314 4.47 7.74 -15.36
CA CYS A 314 5.82 8.29 -15.18
C CYS A 314 6.83 7.36 -15.85
N ARG A 315 6.72 6.05 -15.61
CA ARG A 315 7.69 5.12 -16.24
C ARG A 315 7.60 5.15 -17.77
N ASN A 316 6.42 5.41 -18.28
CA ASN A 316 6.18 5.44 -19.73
C ASN A 316 6.34 6.86 -20.32
N ARG A 317 6.75 7.81 -19.48
CA ARG A 317 6.90 9.26 -19.87
C ARG A 317 5.66 9.84 -20.54
N ASN A 318 4.50 9.50 -19.98
CA ASN A 318 3.25 10.11 -20.30
C ASN A 318 3.12 11.27 -19.28
N VAL A 319 3.82 12.37 -19.51
CA VAL A 319 3.87 13.45 -18.52
C VAL A 319 2.50 14.04 -18.18
N ARG A 320 1.63 14.32 -19.15
CA ARG A 320 0.33 14.85 -18.90
C ARG A 320 -0.46 13.97 -17.97
N GLU A 321 -0.47 12.67 -18.31
CA GLU A 321 -1.24 11.72 -17.53
C GLU A 321 -0.68 11.45 -16.14
N ALA A 322 0.65 11.49 -16.04
CA ALA A 322 1.32 11.38 -14.72
C ALA A 322 0.95 12.58 -13.81
N LEU A 323 1.02 13.81 -14.37
CA LEU A 323 0.63 14.98 -13.63
C LEU A 323 -0.84 14.93 -13.20
N GLN A 324 -1.71 14.45 -14.08
CA GLN A 324 -3.13 14.38 -13.76
C GLN A 324 -3.34 13.41 -12.60
N ALA A 325 -2.68 12.25 -12.67
CA ALA A 325 -2.81 11.26 -11.59
C ALA A 325 -2.22 11.74 -10.25
N TRP A 326 -1.12 12.47 -10.28
CA TRP A 326 -0.60 13.05 -9.06
C TRP A 326 -1.47 14.18 -8.50
N ALA A 327 -2.08 14.98 -9.39
CA ALA A 327 -3.08 15.97 -8.95
C ALA A 327 -4.23 15.23 -8.23
N ASP A 328 -4.63 14.10 -8.78
CA ASP A 328 -5.65 13.30 -8.14
C ASP A 328 -5.26 12.76 -6.79
N THR A 329 -4.01 12.35 -6.62
CA THR A 329 -3.50 11.92 -5.32
C THR A 329 -3.64 13.04 -4.29
N ALA A 330 -3.26 14.25 -4.71
CA ALA A 330 -3.40 15.40 -3.81
C ALA A 330 -4.83 15.78 -3.47
N THR A 331 -5.75 15.55 -4.41
CA THR A 331 -7.16 15.86 -4.21
C THR A 331 -7.74 14.88 -3.16
N VAL A 332 -7.20 13.68 -3.08
CA VAL A 332 -7.53 12.78 -1.94
C VAL A 332 -6.92 13.25 -0.61
N ILE A 333 -5.61 13.53 -0.59
CA ILE A 333 -4.94 13.86 0.64
C ILE A 333 -5.46 15.17 1.26
N GLN A 334 -6.04 16.07 0.46
CA GLN A 334 -6.36 17.41 0.99
C GLN A 334 -7.44 17.33 2.10
N ASP A 335 -8.23 16.25 2.12
CA ASP A 335 -9.26 16.09 3.13
C ASP A 335 -8.86 15.22 4.30
N TYR A 336 -7.57 15.10 4.55
CA TYR A 336 -7.01 14.46 5.72
C TYR A 336 -6.31 15.50 6.57
N ASN A 337 -6.13 15.16 7.84
CA ASN A 337 -5.23 15.87 8.71
C ASN A 337 -3.89 15.16 8.73
N TYR A 338 -2.77 15.88 8.62
CA TYR A 338 -1.45 15.26 8.68
C TYR A 338 -1.06 15.04 10.13
N CYS A 339 -1.03 13.79 10.55
CA CYS A 339 -0.83 13.43 11.93
C CYS A 339 0.49 12.70 12.11
N ARG A 340 0.93 12.64 13.34
CA ARG A 340 2.05 11.82 13.71
C ARG A 340 1.59 10.41 13.32
N GLU A 341 2.51 9.72 12.74
CA GLU A 341 2.37 8.35 12.23
C GLU A 341 1.95 8.31 10.74
N ASP A 342 1.69 9.46 10.10
CA ASP A 342 1.44 9.53 8.67
C ASP A 342 2.72 9.78 7.85
N GLU A 343 3.90 9.61 8.45
CA GLU A 343 5.15 10.04 7.79
C GLU A 343 5.41 9.31 6.48
N GLU A 344 4.92 8.08 6.31
CA GLU A 344 5.21 7.38 5.06
C GLU A 344 4.59 8.10 3.84
N ILE A 345 3.36 8.59 3.99
CA ILE A 345 2.74 9.26 2.84
C ILE A 345 3.37 10.64 2.60
N TYR A 346 3.78 11.30 3.66
CA TYR A 346 4.61 12.57 3.54
C TYR A 346 5.86 12.28 2.71
N LYS A 347 6.53 11.16 2.99
CA LYS A 347 7.75 10.82 2.26
C LYS A 347 7.50 10.61 0.76
N GLU A 348 6.38 9.94 0.43
CA GLU A 348 6.04 9.72 -0.96
C GLU A 348 5.66 11.03 -1.70
N PHE A 349 4.87 11.90 -1.05
CA PHE A 349 4.54 13.19 -1.68
C PHE A 349 5.85 14.01 -1.83
N PHE A 350 6.73 13.95 -0.84
CA PHE A 350 8.01 14.68 -0.93
C PHE A 350 8.85 14.23 -2.12
N GLU A 351 9.05 12.92 -2.25
CA GLU A 351 9.77 12.36 -3.39
C GLU A 351 9.15 12.75 -4.73
N VAL A 352 7.80 12.74 -4.85
CA VAL A 352 7.13 13.08 -6.09
C VAL A 352 7.38 14.54 -6.45
N ALA A 353 7.14 15.39 -5.47
CA ALA A 353 7.28 16.85 -5.69
C ALA A 353 8.71 17.27 -5.92
N ASN A 354 9.62 16.68 -5.16
CA ASN A 354 10.99 17.19 -5.05
C ASN A 354 12.04 16.38 -5.75
N ASP A 355 11.65 15.29 -6.40
CA ASP A 355 12.58 14.49 -7.18
C ASP A 355 11.97 14.03 -8.48
N VAL A 356 10.83 13.34 -8.40
CA VAL A 356 10.24 12.73 -9.60
C VAL A 356 9.74 13.74 -10.61
N ILE A 357 8.92 14.69 -10.17
CA ILE A 357 8.41 15.69 -11.09
C ILE A 357 9.57 16.54 -11.64
N PRO A 358 10.52 16.96 -10.78
CA PRO A 358 11.63 17.77 -11.36
C PRO A 358 12.40 17.00 -12.47
N ASN A 359 12.65 15.75 -12.23
CA ASN A 359 13.34 14.94 -13.28
C ASN A 359 12.55 14.74 -14.54
N LEU A 360 11.23 14.54 -14.42
CA LEU A 360 10.37 14.43 -15.58
C LEU A 360 10.33 15.72 -16.40
N LEU A 361 10.19 16.87 -15.72
CA LEU A 361 10.06 18.15 -16.41
C LEU A 361 11.40 18.57 -17.01
N LYS A 362 12.48 18.19 -16.36
CA LYS A 362 13.85 18.42 -16.89
C LYS A 362 14.05 17.70 -18.21
N GLU A 363 13.65 16.43 -18.30
CA GLU A 363 13.73 15.68 -19.55
C GLU A 363 12.77 16.27 -20.57
N ALA A 364 11.57 16.65 -20.12
CA ALA A 364 10.65 17.28 -21.03
C ALA A 364 11.19 18.56 -21.65
N ALA A 365 11.92 19.33 -20.86
CA ALA A 365 12.50 20.60 -21.33
C ALA A 365 13.58 20.35 -22.40
N SER A 366 14.39 19.31 -22.20
CA SER A 366 15.38 18.87 -23.21
C SER A 366 14.73 18.41 -24.50
N LEU A 367 13.67 17.64 -24.40
CA LEU A 367 12.95 17.17 -25.56
C LEU A 367 12.23 18.31 -26.29
N LEU A 368 11.69 19.29 -25.55
CA LEU A 368 11.18 20.51 -26.19
C LEU A 368 12.24 21.30 -26.97
N GLU A 369 13.42 21.46 -26.40
CA GLU A 369 14.54 22.07 -27.14
C GLU A 369 14.87 21.30 -28.43
N ALA A 370 14.63 20.01 -28.39
CA ALA A 370 14.84 19.15 -29.50
C ALA A 370 13.64 19.06 -30.44
N GLY A 371 12.61 19.82 -30.20
CA GLY A 371 11.56 19.94 -31.17
C GLY A 371 10.30 19.18 -30.97
N SER A 372 10.11 18.60 -29.81
CA SER A 372 8.94 17.82 -29.64
C SER A 372 7.66 18.66 -29.80
N GLN A 373 6.61 18.01 -30.25
CA GLN A 373 5.29 18.60 -30.41
C GLN A 373 4.34 17.96 -29.42
N GLY A 374 3.32 18.71 -29.05
CA GLY A 374 2.39 18.24 -28.04
C GLY A 374 2.99 18.04 -26.67
N SER A 375 4.13 18.67 -26.41
CA SER A 375 4.81 18.61 -25.11
C SER A 375 3.90 19.02 -23.96
N ALA A 376 3.93 18.28 -22.85
CA ALA A 376 3.20 18.73 -21.65
C ALA A 376 3.62 20.17 -21.28
N LEU A 377 4.85 20.56 -21.57
CA LEU A 377 5.31 21.91 -21.16
C LEU A 377 4.62 23.03 -21.97
N GLN A 378 3.97 22.67 -23.07
CA GLN A 378 3.24 23.66 -23.85
C GLN A 378 1.73 23.49 -23.68
N ASP A 379 1.33 22.63 -22.75
CA ASP A 379 -0.05 22.35 -22.52
C ASP A 379 -0.52 22.99 -21.23
N PRO A 380 -1.36 24.02 -21.31
CA PRO A 380 -1.83 24.62 -20.05
C PRO A 380 -2.58 23.68 -19.12
N GLU A 381 -3.20 22.64 -19.66
CA GLU A 381 -3.87 21.70 -18.73
C GLU A 381 -2.83 20.95 -17.86
N CYS A 382 -1.62 20.75 -18.38
CA CYS A 382 -0.55 20.15 -17.60
C CYS A 382 -0.04 21.09 -16.50
N PHE A 383 0.03 22.38 -16.82
CA PHE A 383 0.34 23.36 -15.79
C PHE A 383 -0.75 23.38 -14.71
N ALA A 384 -2.01 23.26 -15.12
CA ALA A 384 -3.12 23.24 -14.17
C ALA A 384 -3.01 22.01 -13.25
N HIS A 385 -2.58 20.87 -13.82
CA HIS A 385 -2.41 19.67 -12.92
C HIS A 385 -1.33 19.88 -11.90
N LEU A 386 -0.19 20.47 -12.32
CA LEU A 386 0.86 20.75 -11.40
C LEU A 386 0.36 21.66 -10.27
N LEU A 387 -0.42 22.68 -10.64
CA LEU A 387 -0.97 23.55 -9.64
C LEU A 387 -1.98 22.83 -8.71
N ARG A 388 -2.81 21.97 -9.24
CA ARG A 388 -3.76 21.23 -8.40
C ARG A 388 -3.05 20.31 -7.41
N PHE A 389 -1.93 19.72 -7.84
CA PHE A 389 -1.07 18.95 -6.96
C PHE A 389 -0.62 19.75 -5.76
N TYR A 390 0.01 20.91 -6.00
CA TYR A 390 0.41 21.74 -4.91
C TYR A 390 -0.77 22.25 -4.06
N ASP A 391 -1.89 22.57 -4.66
CA ASP A 391 -3.10 23.01 -3.94
C ASP A 391 -3.52 21.95 -2.94
N GLY A 392 -3.55 20.70 -3.37
CA GLY A 392 -3.96 19.65 -2.47
C GLY A 392 -3.03 19.47 -1.28
N ILE A 393 -1.72 19.56 -1.53
CA ILE A 393 -0.78 19.41 -0.46
C ILE A 393 -0.93 20.58 0.53
N CYS A 394 -1.10 21.78 0.01
CA CYS A 394 -1.31 22.92 0.88
C CYS A 394 -2.61 22.78 1.70
N LYS A 395 -3.66 22.28 1.08
CA LYS A 395 -4.94 22.12 1.79
C LYS A 395 -4.84 21.01 2.89
N TRP A 396 -4.13 19.93 2.58
CA TRP A 396 -3.79 18.89 3.55
C TRP A 396 -3.23 19.50 4.80
N GLU A 397 -2.28 20.42 4.64
CA GLU A 397 -1.58 21.02 5.71
C GLU A 397 -2.53 21.88 6.59
N GLU A 398 -3.56 22.47 6.00
CA GLU A 398 -4.52 23.30 6.79
C GLU A 398 -5.23 22.53 7.89
N GLY A 399 -5.16 23.10 9.09
CA GLY A 399 -5.78 22.47 10.27
C GLY A 399 -5.08 21.21 10.77
N SER A 400 -3.92 20.86 10.21
CA SER A 400 -3.22 19.68 10.69
C SER A 400 -2.42 20.02 11.94
N PRO A 401 -2.20 19.02 12.80
CA PRO A 401 -1.41 19.27 14.03
C PRO A 401 0.10 19.40 13.78
N THR A 402 0.57 18.86 12.63
CA THR A 402 1.95 18.99 12.17
C THR A 402 1.92 19.70 10.81
N PRO A 403 2.88 20.59 10.54
CA PRO A 403 2.97 21.20 9.22
C PRO A 403 3.56 20.26 8.14
N VAL A 404 3.37 20.63 6.88
CA VAL A 404 3.91 19.85 5.75
C VAL A 404 5.01 20.58 5.02
N LEU A 405 4.72 21.80 4.61
CA LEU A 405 5.58 22.53 3.72
C LEU A 405 6.69 23.24 4.43
N HIS A 406 7.80 23.40 3.72
CA HIS A 406 8.99 24.14 4.21
C HIS A 406 9.80 24.62 3.02
N VAL A 407 10.84 25.42 3.28
CA VAL A 407 11.53 26.07 2.16
C VAL A 407 12.21 25.12 1.14
N GLY A 408 12.51 23.91 1.58
CA GLY A 408 13.02 22.82 0.70
C GLY A 408 12.05 22.51 -0.39
N TRP A 409 10.76 22.56 -0.08
CA TRP A 409 9.76 22.38 -1.11
C TRP A 409 9.64 23.60 -2.03
N ALA A 410 9.91 24.80 -1.51
CA ALA A 410 9.77 26.00 -2.32
C ALA A 410 10.73 26.08 -3.46
N THR A 411 11.98 25.69 -3.27
CA THR A 411 12.93 25.73 -4.37
C THR A 411 12.50 24.89 -5.58
N PHE A 412 11.96 23.70 -5.30
CA PHE A 412 11.50 22.85 -6.36
C PHE A 412 10.21 23.35 -7.01
N LEU A 413 9.32 23.95 -6.24
CA LEU A 413 8.16 24.58 -6.83
C LEU A 413 8.53 25.67 -7.84
N VAL A 414 9.43 26.55 -7.43
CA VAL A 414 9.85 27.61 -8.34
C VAL A 414 10.45 27.05 -9.63
N GLN A 415 11.30 26.05 -9.47
CA GLN A 415 11.94 25.41 -10.61
C GLN A 415 10.91 24.75 -11.57
N SER A 416 9.93 24.02 -10.99
CA SER A 416 8.95 23.35 -11.77
C SER A 416 8.02 24.37 -12.52
N LEU A 417 7.58 25.42 -11.81
CA LEU A 417 6.81 26.49 -12.44
C LEU A 417 7.54 27.09 -13.62
N GLY A 418 8.83 27.28 -13.43
CA GLY A 418 9.71 27.86 -14.47
C GLY A 418 9.89 27.04 -15.72
N ARG A 419 9.59 25.74 -15.66
CA ARG A 419 9.66 24.88 -16.82
C ARG A 419 8.57 25.20 -17.83
N PHE A 420 7.53 25.92 -17.42
CA PHE A 420 6.48 26.31 -18.34
C PHE A 420 6.69 27.79 -18.66
N GLU A 421 6.69 28.11 -19.97
CA GLU A 421 6.80 29.49 -20.39
C GLU A 421 5.61 30.33 -19.89
N GLY A 422 5.84 31.64 -19.69
CA GLY A 422 4.76 32.58 -19.34
C GLY A 422 3.52 32.46 -20.20
N GLN A 423 3.68 32.34 -21.53
CA GLN A 423 2.54 32.28 -22.44
C GLN A 423 1.70 31.01 -22.30
N VAL A 424 2.29 29.96 -21.75
CA VAL A 424 1.57 28.77 -21.37
C VAL A 424 0.86 28.95 -20.03
N ARG A 425 1.56 29.44 -19.03
CA ARG A 425 1.00 29.64 -17.68
C ARG A 425 -0.18 30.61 -17.68
N GLN A 426 -0.10 31.64 -18.53
CA GLN A 426 -1.17 32.63 -18.69
C GLN A 426 -2.51 32.11 -19.16
N LYS A 427 -2.50 30.96 -19.83
CA LYS A 427 -3.70 30.40 -20.38
C LYS A 427 -4.56 29.67 -19.35
N VAL A 428 -4.02 29.42 -18.16
CA VAL A 428 -4.85 28.79 -17.10
C VAL A 428 -5.69 29.87 -16.41
N ARG A 429 -7.00 29.62 -16.32
CA ARG A 429 -7.93 30.53 -15.64
C ARG A 429 -8.17 30.00 -14.25
N ILE A 430 -7.84 30.81 -13.25
CA ILE A 430 -7.95 30.41 -11.85
C ILE A 430 -9.17 31.13 -11.34
N VAL A 431 -10.22 30.37 -11.13
CA VAL A 431 -11.50 30.96 -10.74
C VAL A 431 -11.83 30.66 -9.28
N SER A 432 -12.52 31.61 -8.67
CA SER A 432 -12.86 31.59 -7.27
C SER A 432 -14.23 31.01 -7.06
C GLY A 444 -9.87 26.81 -20.43
N PRO A 445 -8.67 26.22 -20.22
CA PRO A 445 -8.34 25.47 -19.00
C PRO A 445 -8.74 26.23 -17.73
N VAL A 446 -9.44 25.56 -16.81
CA VAL A 446 -10.00 26.25 -15.65
C VAL A 446 -9.69 25.49 -14.38
N LEU A 447 -9.30 26.23 -13.35
CA LEU A 447 -8.93 25.61 -12.09
C LEU A 447 -9.47 26.40 -10.91
N THR A 448 -9.96 25.71 -9.86
CA THR A 448 -10.33 26.38 -8.59
C THR A 448 -9.38 25.89 -7.49
N PHE A 449 -8.85 26.80 -6.69
CA PHE A 449 -8.00 26.43 -5.58
C PHE A 449 -8.83 26.26 -4.30
N GLN A 450 -8.53 25.21 -3.56
CA GLN A 450 -9.06 25.00 -2.22
C GLN A 450 -8.23 25.57 -1.09
N SER A 451 -6.90 25.66 -1.28
CA SER A 451 -5.99 26.10 -0.20
C SER A 451 -5.84 27.61 -0.21
N GLU A 452 -5.74 28.18 0.99
CA GLU A 452 -5.43 29.62 1.07
C GLU A 452 -4.00 29.92 0.56
N LYS A 453 -3.03 29.03 0.76
CA LYS A 453 -1.70 29.27 0.17
C LYS A 453 -1.74 29.48 -1.34
N MET A 454 -2.41 28.60 -2.08
CA MET A 454 -2.40 28.76 -3.52
C MET A 454 -3.28 29.92 -3.97
N LYS A 455 -4.37 30.21 -3.24
CA LYS A 455 -5.18 31.36 -3.60
C LYS A 455 -4.31 32.64 -3.58
N GLY A 456 -3.48 32.74 -2.57
CA GLY A 456 -2.64 33.94 -2.44
C GLY A 456 -1.48 33.98 -3.42
N MET A 457 -1.23 32.84 -4.06
CA MET A 457 -0.11 32.75 -5.00
CA MET A 457 -0.14 32.62 -5.04
C MET A 457 -0.55 32.99 -6.45
N LYS A 458 -1.85 33.11 -6.68
CA LYS A 458 -2.42 33.18 -8.00
C LYS A 458 -1.76 34.21 -8.91
N GLU A 459 -1.66 35.45 -8.45
CA GLU A 459 -1.04 36.50 -9.26
C GLU A 459 0.41 36.18 -9.66
N LEU A 460 1.16 35.60 -8.74
CA LEU A 460 2.54 35.27 -9.00
C LEU A 460 2.69 34.20 -10.10
N LEU A 461 1.66 33.37 -10.31
CA LEU A 461 1.80 32.17 -11.17
C LEU A 461 1.85 32.40 -12.68
N VAL A 462 1.42 33.58 -13.13
CA VAL A 462 1.40 33.93 -14.56
C VAL A 462 2.48 34.90 -15.09
N ALA A 463 3.20 35.61 -14.22
CA ALA A 463 4.22 36.54 -14.69
C ALA A 463 5.37 35.88 -15.46
N THR A 464 5.95 36.61 -16.43
CA THR A 464 6.93 36.05 -17.36
C THR A 464 8.11 35.52 -16.58
N LYS A 465 8.56 36.32 -15.63
CA LYS A 465 9.64 35.93 -14.75
C LYS A 465 8.95 35.67 -13.42
N ILE A 466 9.20 34.49 -12.92
CA ILE A 466 8.65 34.04 -11.68
C ILE A 466 9.38 34.72 -10.54
N ASN A 467 8.60 35.40 -9.68
CA ASN A 467 9.21 36.00 -8.49
C ASN A 467 9.47 34.96 -7.45
N SER A 468 10.68 34.43 -7.47
CA SER A 468 11.10 33.35 -6.60
C SER A 468 10.95 33.62 -5.12
N SER A 469 11.41 34.79 -4.67
CA SER A 469 11.35 35.09 -3.27
CA SER A 469 11.33 35.16 -3.27
C SER A 469 9.88 35.22 -2.78
N ALA A 470 9.01 35.84 -3.59
CA ALA A 470 7.58 36.01 -3.17
C ALA A 470 6.91 34.65 -3.15
N ILE A 471 7.21 33.79 -4.12
CA ILE A 471 6.67 32.40 -4.06
C ILE A 471 7.04 31.65 -2.80
N LYS A 472 8.33 31.67 -2.45
CA LYS A 472 8.82 31.08 -1.25
C LYS A 472 8.13 31.59 -0.01
N LEU A 473 7.97 32.91 0.07
CA LEU A 473 7.28 33.46 1.18
C LEU A 473 5.82 32.94 1.29
N GLN A 474 5.16 32.81 0.15
CA GLN A 474 3.74 32.42 0.18
C GLN A 474 3.60 30.93 0.49
N LEU A 475 4.55 30.11 0.05
CA LEU A 475 4.44 28.66 0.28
C LEU A 475 4.77 28.26 1.69
N THR A 476 5.66 29.01 2.37
CA THR A 476 6.20 28.64 3.67
C THR A 476 5.59 29.50 4.78
N ALA A 477 4.82 30.49 4.31
CA ALA A 477 4.20 31.55 5.11
C ALA A 477 5.25 32.26 5.95
N GLN A 478 6.45 32.41 5.36
CA GLN A 478 7.60 33.01 6.03
C GLN A 478 7.24 34.45 6.21
N SER A 479 7.48 34.96 7.41
CA SER A 479 6.91 36.26 7.80
C SER A 479 7.83 37.39 7.30
N GLN A 480 9.13 37.14 7.35
CA GLN A 480 10.13 38.20 7.28
C GLN A 480 11.29 37.84 6.35
N VAL A 481 11.99 38.88 5.88
CA VAL A 481 13.20 38.68 5.04
C VAL A 481 14.42 39.30 5.69
N GLN A 482 15.60 38.94 5.18
CA GLN A 482 16.87 39.09 5.93
C GLN A 482 17.08 40.53 6.40
N MET A 483 17.60 40.67 7.62
CA MET A 483 17.83 41.96 8.27
C MET A 483 18.64 42.86 7.36
N LYS A 484 19.90 42.51 7.15
CA LYS A 484 20.80 43.29 6.31
#